data_1Y89
#
_entry.id   1Y89
#
_cell.length_a   85.078
_cell.length_b   85.078
_cell.length_c   181.080
_cell.angle_alpha   90.00
_cell.angle_beta   90.00
_cell.angle_gamma   120.00
#
_symmetry.space_group_name_H-M   'P 31 2 1'
#
loop_
_entity.id
_entity.type
_entity.pdbx_description
1 polymer 'devB protein'
2 non-polymer 'PHOSPHATE ION'
3 non-polymer 3,6,9,12,15,18,21,24-OCTAOXAHEXACOSAN-1-OL
4 non-polymer 'NONAETHYLENE GLYCOL'
5 non-polymer DI(HYDROXYETHYL)ETHER
6 water water
#
_entity_poly.entity_id   1
_entity_poly.type   'polypeptide(L)'
_entity_poly.pdbx_seq_one_letter_code
;(MSE)INHKIFPTADAVVKSLADD(MSE)LAYSQQGQPVHISLSGGSTPK(MSE)LFKLLASQPYANDIQWKNLHFWWGD
ERCVAPDDAESNYGEANALLFSKIN(MSE)PAQNIHRILGENEPQAEAERFAQA(MSE)AHVIPTENGTPVFDWILLGVG
ADGHTASLFPGQTDYADANLSVVASHPESGQLRVSKTAKVLQAAKRISYLVLGAGKAEIVEQIHTTPAEQLPYPAAKIHS
TSGVTEWYLDSDAAAKIA
;
_entity_poly.pdbx_strand_id   A,B
#
loop_
_chem_comp.id
_chem_comp.type
_chem_comp.name
_chem_comp.formula
2PE non-polymer 'NONAETHYLENE GLYCOL' 'C18 H38 O10'
PE5 non-polymer 3,6,9,12,15,18,21,24-OCTAOXAHEXACOSAN-1-OL 'C18 H38 O9'
PEG non-polymer DI(HYDROXYETHYL)ETHER 'C4 H10 O3'
PO4 non-polymer 'PHOSPHATE ION' 'O4 P -3'
#
# COMPACT_ATOMS: atom_id res chain seq x y z
N MSE A 1 6.90 -8.19 -3.36
CA MSE A 1 6.07 -7.09 -3.95
C MSE A 1 6.61 -5.72 -3.52
O MSE A 1 7.36 -5.61 -2.52
CB MSE A 1 4.57 -7.31 -3.66
CG MSE A 1 4.11 -7.07 -2.25
SE MSE A 1 3.49 -5.18 -1.97
CE MSE A 1 1.52 -5.51 -1.54
N ILE A 2 6.30 -4.70 -4.31
CA ILE A 2 6.72 -3.34 -3.98
C ILE A 2 5.48 -2.43 -3.83
N ASN A 3 5.49 -1.65 -2.75
CA ASN A 3 4.38 -0.77 -2.39
C ASN A 3 4.92 0.67 -2.30
N HIS A 4 4.41 1.58 -3.12
CA HIS A 4 4.75 3.00 -3.02
C HIS A 4 3.54 3.75 -2.49
N LYS A 5 3.76 4.57 -1.47
CA LYS A 5 2.68 5.36 -0.90
C LYS A 5 3.07 6.83 -0.93
N ILE A 6 2.19 7.67 -1.47
CA ILE A 6 2.41 9.14 -1.44
C ILE A 6 1.29 9.76 -0.62
N PHE A 7 1.69 10.39 0.48
CA PHE A 7 0.78 11.00 1.46
C PHE A 7 0.82 12.50 1.29
N PRO A 8 -0.26 13.17 1.67
CA PRO A 8 -0.32 14.62 1.46
C PRO A 8 0.55 15.44 2.44
N THR A 9 0.90 14.85 3.60
CA THR A 9 1.59 15.59 4.67
C THR A 9 2.49 14.60 5.41
N ALA A 10 3.51 15.11 6.10
CA ALA A 10 4.36 14.27 6.94
C ALA A 10 3.53 13.66 8.09
N ASP A 11 2.58 14.44 8.63
CA ASP A 11 1.70 13.91 9.71
C ASP A 11 1.01 12.60 9.25
N ALA A 12 0.52 12.59 8.01
CA ALA A 12 -0.23 11.43 7.47
C ALA A 12 0.67 10.25 7.31
N VAL A 13 1.92 10.48 6.91
CA VAL A 13 2.92 9.37 6.84
C VAL A 13 3.06 8.72 8.20
N VAL A 14 3.35 9.54 9.21
CA VAL A 14 3.65 8.99 10.54
C VAL A 14 2.41 8.38 11.20
N LYS A 15 1.24 8.94 10.92
CA LYS A 15 -0.04 8.35 11.36
C LYS A 15 -0.20 6.94 10.81
N SER A 16 0.08 6.75 9.52
CA SER A 16 -0.03 5.43 8.92
C SER A 16 0.92 4.45 9.63
N LEU A 17 2.15 4.90 9.90
CA LEU A 17 3.11 4.05 10.57
C LEU A 17 2.69 3.68 12.01
N ALA A 18 2.16 4.66 12.74
CA ALA A 18 1.75 4.46 14.12
C ALA A 18 0.54 3.51 14.15
N ASP A 19 -0.35 3.66 13.18
CA ASP A 19 -1.51 2.71 13.14
C ASP A 19 -1.02 1.29 12.92
N ASP A 20 -0.01 1.12 12.09
CA ASP A 20 0.55 -0.22 11.85
C ASP A 20 1.23 -0.73 13.13
N MSE A 21 1.98 0.14 13.82
CA MSE A 21 2.65 -0.22 15.07
C MSE A 21 1.62 -0.74 16.10
O MSE A 21 1.83 -1.76 16.75
CB MSE A 21 3.40 1.00 15.62
CG MSE A 21 4.46 0.71 16.63
SE MSE A 21 6.03 -0.03 15.66
CE MSE A 21 6.83 1.49 15.04
N LEU A 22 0.52 -0.01 16.23
CA LEU A 22 -0.61 -0.46 17.07
C LEU A 22 -1.11 -1.86 16.65
N ALA A 23 -1.42 -2.04 15.37
CA ALA A 23 -1.95 -3.32 14.90
C ALA A 23 -0.97 -4.47 15.12
N TYR A 24 0.31 -4.22 14.81
CA TYR A 24 1.34 -5.22 15.10
C TYR A 24 1.30 -5.63 16.57
N SER A 25 1.16 -4.66 17.48
CA SER A 25 1.21 -4.94 18.93
C SER A 25 0.04 -5.78 19.45
N GLN A 26 -1.02 -5.86 18.67
CA GLN A 26 -2.28 -6.50 19.10
C GLN A 26 -2.35 -7.99 18.68
N GLN A 27 -1.25 -8.55 18.22
CA GLN A 27 -1.23 -9.98 17.81
C GLN A 27 -0.79 -10.96 18.90
N GLY A 28 -0.60 -10.46 20.12
CA GLY A 28 -0.34 -11.38 21.28
C GLY A 28 0.95 -12.19 21.13
N GLN A 29 1.89 -11.66 20.38
CA GLN A 29 3.14 -12.38 20.09
C GLN A 29 4.24 -11.39 19.70
N PRO A 30 5.52 -11.81 19.81
CA PRO A 30 6.62 -10.90 19.51
C PRO A 30 6.66 -10.44 18.08
N VAL A 31 6.89 -9.14 17.92
CA VAL A 31 7.07 -8.49 16.63
C VAL A 31 8.40 -7.75 16.73
N HIS A 32 9.32 -8.09 15.83
CA HIS A 32 10.65 -7.48 15.81
C HIS A 32 10.72 -6.37 14.77
N ILE A 33 10.98 -5.16 15.28
CA ILE A 33 10.96 -3.94 14.48
C ILE A 33 12.36 -3.30 14.53
N SER A 34 12.87 -2.95 13.36
CA SER A 34 14.15 -2.27 13.27
C SER A 34 13.94 -0.75 13.00
N LEU A 35 14.57 0.08 13.84
CA LEU A 35 14.38 1.54 13.77
C LEU A 35 15.57 2.24 13.15
N SER A 36 15.29 3.22 12.30
CA SER A 36 16.27 4.16 11.78
C SER A 36 16.17 5.42 12.67
N GLY A 37 17.14 6.32 12.53
CA GLY A 37 17.09 7.61 13.19
C GLY A 37 16.82 8.69 12.14
N GLY A 38 16.77 9.92 12.56
CA GLY A 38 16.46 10.97 11.59
C GLY A 38 15.09 11.59 11.79
N SER A 39 14.74 12.52 10.90
CA SER A 39 13.60 13.41 11.10
C SER A 39 12.28 12.67 11.12
N THR A 40 12.11 11.73 10.20
CA THR A 40 10.82 11.02 10.14
C THR A 40 10.62 10.08 11.35
N PRO A 41 11.63 9.21 11.65
CA PRO A 41 11.52 8.48 12.92
C PRO A 41 11.23 9.38 14.15
N LYS A 42 11.92 10.52 14.25
N LYS A 42 11.90 10.52 14.28
CA LYS A 42 11.68 11.56 15.29
CA LYS A 42 11.64 11.42 15.40
C LYS A 42 10.20 11.88 15.42
C LYS A 42 10.17 11.88 15.45
N MSE A 43 9.59 12.24 14.29
CA MSE A 43 8.15 12.53 14.23
C MSE A 43 7.32 11.33 14.68
O MSE A 43 6.35 11.49 15.43
CB MSE A 43 7.77 12.90 12.82
CG MSE A 43 8.31 14.24 12.39
SE MSE A 43 7.44 14.72 10.67
CE MSE A 43 5.52 14.64 11.24
N LEU A 44 7.68 10.13 14.21
CA LEU A 44 6.99 8.92 14.63
C LEU A 44 7.07 8.71 16.14
N PHE A 45 8.24 8.86 16.74
CA PHE A 45 8.39 8.69 18.20
C PHE A 45 7.50 9.64 18.98
N LYS A 46 7.43 10.90 18.56
CA LYS A 46 6.56 11.86 19.23
C LYS A 46 5.11 11.43 19.14
N LEU A 47 4.71 10.93 17.97
CA LEU A 47 3.34 10.47 17.82
C LEU A 47 3.07 9.22 18.68
N LEU A 48 3.99 8.27 18.65
CA LEU A 48 3.87 7.07 19.49
C LEU A 48 3.78 7.35 21.00
N ALA A 49 4.39 8.44 21.42
CA ALA A 49 4.35 8.86 22.84
C ALA A 49 3.08 9.65 23.18
N SER A 50 2.29 10.03 22.18
CA SER A 50 1.07 10.81 22.42
C SER A 50 -0.09 9.85 22.64
N GLN A 51 -1.16 10.36 23.21
CA GLN A 51 -2.43 9.62 23.22
C GLN A 51 -2.99 9.57 21.79
N PRO A 52 -3.59 8.42 21.41
CA PRO A 52 -3.88 7.25 22.26
C PRO A 52 -2.78 6.17 22.23
N TYR A 53 -1.77 6.35 21.38
CA TYR A 53 -0.72 5.33 21.15
C TYR A 53 0.04 4.91 22.38
N ALA A 54 0.41 5.89 23.21
CA ALA A 54 1.23 5.63 24.40
C ALA A 54 0.55 4.53 25.26
N ASN A 55 -0.76 4.62 25.37
CA ASN A 55 -1.48 3.66 26.21
C ASN A 55 -2.07 2.45 25.49
N ASP A 56 -2.48 2.61 24.23
CA ASP A 56 -3.15 1.54 23.50
C ASP A 56 -2.18 0.54 22.88
N ILE A 57 -0.98 1.01 22.52
CA ILE A 57 -0.01 0.08 21.91
C ILE A 57 0.43 -0.92 22.98
N GLN A 58 0.39 -2.20 22.65
CA GLN A 58 0.81 -3.21 23.62
C GLN A 58 2.30 -3.38 23.53
N TRP A 59 3.03 -2.47 24.17
CA TRP A 59 4.51 -2.40 24.08
C TRP A 59 5.20 -3.70 24.46
N LYS A 60 4.56 -4.49 25.32
CA LYS A 60 5.12 -5.78 25.75
C LYS A 60 5.34 -6.78 24.60
N ASN A 61 4.59 -6.63 23.51
CA ASN A 61 4.70 -7.47 22.29
C ASN A 61 5.67 -6.96 21.22
N LEU A 62 6.13 -5.71 21.37
CA LEU A 62 7.03 -5.11 20.37
C LEU A 62 8.47 -5.19 20.84
N HIS A 63 9.39 -5.51 19.93
CA HIS A 63 10.82 -5.50 20.22
C HIS A 63 11.50 -4.54 19.27
N PHE A 64 12.23 -3.58 19.81
CA PHE A 64 12.90 -2.59 18.97
C PHE A 64 14.37 -2.86 18.89
N TRP A 65 14.85 -2.81 17.64
CA TRP A 65 16.26 -2.95 17.32
C TRP A 65 16.57 -1.76 16.43
N TRP A 66 17.85 -1.56 16.13
CA TRP A 66 18.33 -0.48 15.27
C TRP A 66 18.95 -1.00 13.99
N GLY A 67 18.57 -0.41 12.85
CA GLY A 67 19.24 -0.77 11.57
C GLY A 67 20.70 -0.28 11.60
N ASP A 68 20.94 0.80 12.33
CA ASP A 68 22.32 1.27 12.57
C ASP A 68 22.33 2.15 13.81
N GLU A 69 23.53 2.35 14.34
CA GLU A 69 23.75 3.17 15.51
C GLU A 69 25.13 3.81 15.40
N ARG A 70 25.22 5.06 15.85
CA ARG A 70 26.47 5.80 15.91
C ARG A 70 27.25 5.33 17.13
N CYS A 71 28.56 5.16 16.96
CA CYS A 71 29.37 4.59 18.02
C CYS A 71 29.68 5.67 19.03
N VAL A 72 28.62 6.14 19.70
CA VAL A 72 28.70 7.16 20.75
C VAL A 72 27.90 6.68 21.94
N ALA A 73 28.14 7.29 23.11
CA ALA A 73 27.38 6.96 24.32
C ALA A 73 25.87 7.17 24.09
N PRO A 74 25.04 6.35 24.77
CA PRO A 74 23.61 6.42 24.53
C PRO A 74 22.98 7.77 24.93
N ASP A 75 23.67 8.62 25.68
CA ASP A 75 23.13 9.95 25.97
C ASP A 75 23.84 11.06 25.17
N ASP A 76 24.65 10.66 24.19
CA ASP A 76 25.26 11.59 23.26
C ASP A 76 24.20 12.10 22.29
N ALA A 77 24.33 13.37 21.86
CA ALA A 77 23.40 13.95 20.88
C ALA A 77 23.28 13.12 19.58
N GLU A 78 24.36 12.41 19.24
CA GLU A 78 24.46 11.66 17.99
C GLU A 78 23.91 10.22 18.12
N SER A 79 23.42 9.84 19.30
CA SER A 79 22.89 8.48 19.48
C SER A 79 21.49 8.33 18.90
N ASN A 80 21.30 7.35 18.02
CA ASN A 80 19.93 7.07 17.55
C ASN A 80 19.06 6.60 18.71
N TYR A 81 19.55 5.61 19.48
CA TYR A 81 18.82 5.15 20.66
C TYR A 81 18.50 6.30 21.60
N GLY A 82 19.50 7.14 21.87
CA GLY A 82 19.36 8.26 22.80
C GLY A 82 18.18 9.16 22.43
N GLU A 83 18.03 9.46 21.14
CA GLU A 83 16.88 10.26 20.70
C GLU A 83 15.51 9.52 20.81
N ALA A 84 15.48 8.24 20.43
CA ALA A 84 14.30 7.39 20.61
C ALA A 84 13.92 7.33 22.08
N ASN A 85 14.93 7.23 22.95
CA ASN A 85 14.65 7.21 24.36
C ASN A 85 14.10 8.55 24.91
N ALA A 86 14.72 9.66 24.52
CA ALA A 86 14.25 10.98 24.97
C ALA A 86 12.82 11.24 24.49
N LEU A 87 12.52 10.86 23.25
CA LEU A 87 11.20 11.21 22.68
C LEU A 87 10.09 10.19 22.97
N LEU A 88 10.48 8.93 23.11
CA LEU A 88 9.49 7.85 23.26
C LEU A 88 9.69 6.98 24.51
N PHE A 89 10.79 6.21 24.55
CA PHE A 89 10.85 5.14 25.55
C PHE A 89 10.69 5.69 26.96
N SER A 90 11.29 6.83 27.24
CA SER A 90 11.16 7.44 28.58
C SER A 90 9.74 7.95 28.88
N LYS A 91 8.83 7.88 27.92
CA LYS A 91 7.47 8.41 28.08
C LYS A 91 6.43 7.30 28.11
N ILE A 92 6.87 6.04 28.05
CA ILE A 92 5.94 4.92 27.91
C ILE A 92 6.34 3.78 28.83
N ASN A 93 5.43 2.82 28.99
CA ASN A 93 5.71 1.65 29.82
C ASN A 93 6.01 0.43 28.95
N MSE A 94 7.29 0.20 28.73
CA MSE A 94 7.71 -0.86 27.83
C MSE A 94 8.84 -1.61 28.53
O MSE A 94 9.74 -0.96 29.06
CB MSE A 94 8.22 -0.24 26.53
CG MSE A 94 8.99 -1.20 25.65
SE MSE A 94 9.07 -0.45 23.87
CE MSE A 94 9.55 -2.18 22.88
N PRO A 95 8.79 -2.95 28.53
CA PRO A 95 9.88 -3.69 29.21
C PRO A 95 11.25 -3.30 28.63
N ALA A 96 12.22 -3.13 29.52
CA ALA A 96 13.59 -2.78 29.15
C ALA A 96 14.16 -3.88 28.24
N GLN A 97 13.76 -5.12 28.52
CA GLN A 97 14.26 -6.28 27.77
C GLN A 97 13.77 -6.27 26.32
N ASN A 98 12.75 -5.46 26.00
CA ASN A 98 12.20 -5.41 24.64
C ASN A 98 12.90 -4.35 23.80
N ILE A 99 13.81 -3.61 24.43
CA ILE A 99 14.56 -2.57 23.72
C ILE A 99 16.01 -3.05 23.56
N HIS A 100 16.43 -3.34 22.35
CA HIS A 100 17.69 -4.05 22.13
C HIS A 100 18.66 -3.06 21.50
N ARG A 101 19.18 -2.12 22.28
CA ARG A 101 20.00 -1.11 21.62
C ARG A 101 21.35 -1.64 21.21
N ILE A 102 21.94 -0.99 20.22
CA ILE A 102 23.33 -1.25 19.90
C ILE A 102 24.17 -0.47 20.92
N LEU A 103 25.17 -1.12 21.49
CA LEU A 103 26.01 -0.50 22.51
C LEU A 103 27.07 0.40 21.85
N GLY A 104 26.69 1.64 21.55
CA GLY A 104 27.56 2.56 20.82
C GLY A 104 28.78 3.00 21.62
N GLU A 105 28.76 2.82 22.93
CA GLU A 105 29.88 3.23 23.77
C GLU A 105 30.99 2.18 23.78
N ASN A 106 30.75 1.01 23.18
CA ASN A 106 31.66 -0.10 23.32
C ASN A 106 32.56 -0.22 22.11
N GLU A 107 33.59 -1.06 22.21
CA GLU A 107 34.48 -1.32 21.05
C GLU A 107 33.61 -1.81 19.88
N PRO A 108 33.67 -1.11 18.73
CA PRO A 108 32.68 -1.36 17.66
C PRO A 108 32.68 -2.76 17.06
N GLN A 109 33.86 -3.35 16.82
CA GLN A 109 33.88 -4.67 16.18
C GLN A 109 33.25 -5.76 17.05
N ALA A 110 33.66 -5.83 18.33
CA ALA A 110 33.06 -6.80 19.24
C ALA A 110 31.58 -6.48 19.46
N GLU A 111 31.23 -5.21 19.39
CA GLU A 111 29.82 -4.84 19.46
C GLU A 111 29.02 -5.29 18.24
N ALA A 112 29.53 -5.09 17.02
CA ALA A 112 28.87 -5.65 15.83
C ALA A 112 28.62 -7.16 15.99
N GLU A 113 29.62 -7.91 16.49
CA GLU A 113 29.45 -9.35 16.72
C GLU A 113 28.41 -9.68 17.80
N ARG A 114 28.45 -8.96 18.93
CA ARG A 114 27.40 -9.11 19.97
C ARG A 114 25.99 -8.86 19.42
N PHE A 115 25.84 -7.75 18.70
CA PHE A 115 24.57 -7.38 18.07
C PHE A 115 24.09 -8.50 17.15
N ALA A 116 25.00 -9.01 16.30
CA ALA A 116 24.66 -10.10 15.39
C ALA A 116 24.14 -11.34 16.13
N GLN A 117 24.84 -11.73 17.20
CA GLN A 117 24.51 -12.96 17.93
C GLN A 117 23.17 -12.73 18.63
N ALA A 118 22.95 -11.51 19.15
CA ALA A 118 21.70 -11.16 19.85
C ALA A 118 20.48 -11.30 18.90
N MSE A 119 20.62 -10.80 17.67
CA MSE A 119 19.53 -10.93 16.67
C MSE A 119 19.29 -12.41 16.32
O MSE A 119 18.13 -12.86 16.32
CB MSE A 119 19.82 -10.14 15.40
CG MSE A 119 19.75 -8.64 15.58
SE MSE A 119 19.97 -7.85 13.78
CE MSE A 119 21.94 -8.07 13.57
N ALA A 120 20.38 -13.14 16.05
CA ALA A 120 20.29 -14.56 15.69
C ALA A 120 19.67 -15.39 16.80
N HIS A 121 19.92 -15.00 18.06
CA HIS A 121 19.44 -15.79 19.19
C HIS A 121 17.91 -15.74 19.35
N VAL A 122 17.34 -14.55 19.26
CA VAL A 122 15.94 -14.42 19.67
C VAL A 122 14.94 -14.18 18.56
N ILE A 123 15.43 -13.74 17.40
CA ILE A 123 14.51 -13.49 16.27
C ILE A 123 14.43 -14.76 15.42
N PRO A 124 13.20 -15.24 15.12
CA PRO A 124 13.10 -16.43 14.26
C PRO A 124 13.90 -16.23 12.99
N THR A 125 14.60 -17.27 12.56
CA THR A 125 15.50 -17.17 11.42
C THR A 125 14.97 -17.94 10.21
N GLU A 126 15.55 -17.64 9.05
CA GLU A 126 15.31 -18.34 7.80
C GLU A 126 16.66 -18.46 7.15
N ASN A 127 17.11 -19.70 6.93
CA ASN A 127 18.45 -19.97 6.40
C ASN A 127 19.52 -19.30 7.24
N GLY A 128 19.31 -19.28 8.57
CA GLY A 128 20.26 -18.67 9.51
C GLY A 128 20.12 -17.18 9.77
N THR A 129 19.34 -16.49 8.94
CA THR A 129 19.25 -15.03 9.04
C THR A 129 17.99 -14.67 9.82
N PRO A 130 18.13 -13.80 10.85
CA PRO A 130 16.94 -13.31 11.56
C PRO A 130 16.00 -12.61 10.60
N VAL A 131 14.72 -12.94 10.71
CA VAL A 131 13.71 -12.38 9.83
C VAL A 131 12.93 -11.27 10.59
N PHE A 132 13.25 -10.01 10.29
CA PHE A 132 12.51 -8.92 10.91
C PHE A 132 11.11 -8.86 10.38
N ASP A 133 10.19 -8.53 11.26
CA ASP A 133 8.80 -8.27 10.85
C ASP A 133 8.72 -6.97 10.07
N TRP A 134 9.56 -6.00 10.44
CA TRP A 134 9.46 -4.67 9.86
C TRP A 134 10.74 -3.90 10.09
N ILE A 135 11.30 -3.35 9.02
CA ILE A 135 12.48 -2.51 9.15
C ILE A 135 12.11 -1.16 8.55
N LEU A 136 12.27 -0.11 9.36
CA LEU A 136 12.06 1.28 8.90
C LEU A 136 13.43 1.80 8.49
N LEU A 137 13.50 2.37 7.29
CA LEU A 137 14.78 2.78 6.71
C LEU A 137 14.72 4.22 6.26
N GLY A 138 15.89 4.86 6.27
CA GLY A 138 16.08 6.18 5.67
C GLY A 138 16.75 6.07 4.31
N VAL A 139 16.69 7.18 3.56
CA VAL A 139 17.51 7.28 2.35
C VAL A 139 18.25 8.61 2.35
N GLY A 140 19.59 8.59 2.39
CA GLY A 140 20.36 9.83 2.43
C GLY A 140 20.38 10.51 1.08
N ALA A 141 20.92 11.74 1.04
CA ALA A 141 21.01 12.47 -0.22
C ALA A 141 21.98 11.73 -1.18
N ASP A 142 22.84 10.87 -0.63
CA ASP A 142 23.79 10.02 -1.40
C ASP A 142 23.23 8.63 -1.67
N GLY A 143 21.97 8.41 -1.30
CA GLY A 143 21.34 7.11 -1.51
C GLY A 143 21.63 6.05 -0.45
N HIS A 144 22.35 6.40 0.64
CA HIS A 144 22.70 5.38 1.61
C HIS A 144 21.46 5.02 2.43
N THR A 145 21.49 3.85 3.05
CA THR A 145 20.43 3.48 4.00
C THR A 145 21.13 2.73 5.13
N ALA A 146 20.50 2.66 6.30
CA ALA A 146 21.21 2.22 7.52
C ALA A 146 22.58 2.92 7.51
N SER A 147 23.69 2.20 7.73
CA SER A 147 25.02 2.82 7.56
C SER A 147 25.80 2.08 6.47
N LEU A 148 25.04 1.72 5.42
CA LEU A 148 25.54 1.11 4.22
C LEU A 148 25.65 2.22 3.19
N PHE A 149 26.89 2.64 2.92
CA PHE A 149 27.15 3.82 2.09
C PHE A 149 27.59 3.41 0.69
N PRO A 150 27.28 4.25 -0.32
CA PRO A 150 27.63 3.94 -1.71
C PRO A 150 29.15 3.74 -1.86
N GLY A 151 29.54 2.74 -2.64
CA GLY A 151 30.95 2.44 -2.84
C GLY A 151 31.64 1.68 -1.68
N GLN A 152 31.01 1.64 -0.51
CA GLN A 152 31.62 0.96 0.63
C GLN A 152 30.78 -0.17 1.19
N THR A 153 29.68 -0.50 0.50
CA THR A 153 28.79 -1.57 0.91
C THR A 153 29.13 -2.89 0.19
N ASP A 154 29.29 -3.95 0.97
CA ASP A 154 29.52 -5.29 0.42
C ASP A 154 28.16 -6.00 0.44
N TYR A 155 27.52 -6.05 -0.72
CA TYR A 155 26.18 -6.62 -0.85
C TYR A 155 26.21 -8.12 -0.72
N ALA A 156 27.39 -8.72 -0.72
CA ALA A 156 27.51 -10.16 -0.55
C ALA A 156 27.97 -10.55 0.85
N ASP A 157 27.98 -9.60 1.78
CA ASP A 157 28.51 -9.87 3.13
C ASP A 157 27.60 -10.91 3.79
N ALA A 158 28.19 -12.01 4.24
CA ALA A 158 27.42 -13.09 4.88
C ALA A 158 27.14 -12.84 6.38
N ASN A 159 27.84 -11.86 6.95
CA ASN A 159 27.59 -11.46 8.34
C ASN A 159 26.26 -10.69 8.48
N LEU A 160 25.77 -10.59 9.73
CA LEU A 160 24.52 -9.90 10.00
C LEU A 160 24.70 -8.42 10.32
N SER A 161 25.94 -8.03 10.66
CA SER A 161 26.19 -6.62 11.01
C SER A 161 27.59 -6.30 10.53
N VAL A 162 27.92 -5.01 10.52
CA VAL A 162 29.19 -4.57 10.02
C VAL A 162 29.55 -3.27 10.71
N VAL A 163 30.85 -3.01 10.89
CA VAL A 163 31.29 -1.69 11.31
C VAL A 163 31.50 -0.84 10.05
N ALA A 164 30.93 0.36 10.03
CA ALA A 164 31.02 1.25 8.89
C ALA A 164 31.55 2.62 9.33
N SER A 165 32.25 3.34 8.46
CA SER A 165 32.62 4.71 8.84
C SER A 165 31.94 5.68 7.91
N HIS A 166 31.38 6.74 8.50
CA HIS A 166 30.73 7.75 7.70
C HIS A 166 31.76 8.28 6.68
N PRO A 167 31.37 8.34 5.39
CA PRO A 167 32.34 8.75 4.37
C PRO A 167 32.81 10.20 4.49
N GLU A 168 32.02 11.04 5.15
CA GLU A 168 32.40 12.45 5.30
C GLU A 168 33.23 12.71 6.56
N SER A 169 32.77 12.18 7.70
CA SER A 169 33.36 12.52 9.01
C SER A 169 34.26 11.41 9.57
N GLY A 170 34.10 10.18 9.08
CA GLY A 170 34.83 9.07 9.61
C GLY A 170 34.19 8.52 10.87
N GLN A 171 33.06 9.09 11.27
CA GLN A 171 32.37 8.63 12.47
C GLN A 171 32.01 7.16 12.29
N LEU A 172 32.33 6.35 13.29
CA LEU A 172 32.02 4.91 13.25
C LEU A 172 30.57 4.60 13.59
N ARG A 173 30.00 3.63 12.86
CA ARG A 173 28.66 3.11 13.13
C ARG A 173 28.69 1.59 13.13
N VAL A 174 27.76 0.98 13.85
CA VAL A 174 27.44 -0.46 13.69
C VAL A 174 26.16 -0.52 12.89
N SER A 175 26.16 -1.33 11.82
CA SER A 175 25.02 -1.38 10.93
C SER A 175 24.57 -2.82 10.70
N LYS A 176 23.27 -3.00 10.48
CA LYS A 176 22.82 -4.22 9.81
C LYS A 176 23.50 -4.30 8.46
N THR A 177 23.74 -5.54 7.97
CA THR A 177 24.22 -5.70 6.61
C THR A 177 23.03 -5.77 5.64
N ALA A 178 23.31 -5.66 4.34
CA ALA A 178 22.23 -5.75 3.32
C ALA A 178 21.42 -7.06 3.46
N LYS A 179 22.12 -8.13 3.80
CA LYS A 179 21.52 -9.46 3.96
C LYS A 179 20.36 -9.46 4.95
N VAL A 180 20.53 -8.76 6.07
CA VAL A 180 19.43 -8.72 7.04
C VAL A 180 18.22 -7.93 6.48
N LEU A 181 18.49 -6.79 5.84
CA LEU A 181 17.39 -6.07 5.19
C LEU A 181 16.64 -6.88 4.15
N GLN A 182 17.39 -7.60 3.32
CA GLN A 182 16.82 -8.44 2.28
C GLN A 182 15.98 -9.61 2.83
N ALA A 183 16.35 -10.11 4.03
CA ALA A 183 15.61 -11.21 4.66
C ALA A 183 14.32 -10.83 5.38
N ALA A 184 14.11 -9.53 5.57
CA ALA A 184 12.96 -9.04 6.36
C ALA A 184 11.61 -9.25 5.65
N LYS A 185 10.53 -9.37 6.43
CA LYS A 185 9.21 -9.55 5.82
C LYS A 185 8.76 -8.25 5.11
N ARG A 186 9.26 -7.13 5.60
CA ARG A 186 8.76 -5.82 5.19
C ARG A 186 9.81 -4.78 5.50
N ILE A 187 10.23 -4.00 4.49
CA ILE A 187 11.12 -2.89 4.74
C ILE A 187 10.47 -1.67 4.12
N SER A 188 10.65 -0.52 4.77
CA SER A 188 9.92 0.67 4.38
C SER A 188 10.86 1.84 4.41
N TYR A 189 11.16 2.37 3.23
CA TYR A 189 12.01 3.55 3.10
C TYR A 189 11.15 4.80 3.30
N LEU A 190 11.48 5.60 4.32
CA LEU A 190 10.65 6.72 4.74
C LEU A 190 11.38 7.96 4.22
N VAL A 191 10.82 8.57 3.18
CA VAL A 191 11.57 9.56 2.39
C VAL A 191 10.69 10.78 2.23
N LEU A 192 10.92 11.78 3.08
CA LEU A 192 10.08 12.96 3.17
C LEU A 192 10.83 14.25 2.89
N GLY A 193 10.14 15.20 2.25
CA GLY A 193 10.62 16.59 2.11
C GLY A 193 11.24 16.88 0.75
N ALA A 194 11.25 18.17 0.39
CA ALA A 194 11.74 18.60 -0.90
C ALA A 194 13.21 18.25 -1.12
N GLY A 195 13.95 18.13 -0.02
CA GLY A 195 15.38 17.76 -0.05
C GLY A 195 15.64 16.39 -0.65
N LYS A 196 14.60 15.53 -0.66
CA LYS A 196 14.73 14.19 -1.22
C LYS A 196 14.15 14.04 -2.63
N ALA A 197 13.54 15.09 -3.16
CA ALA A 197 12.85 14.97 -4.46
C ALA A 197 13.73 14.51 -5.63
N GLU A 198 14.98 14.97 -5.62
CA GLU A 198 15.91 14.73 -6.69
C GLU A 198 16.32 13.25 -6.73
N ILE A 199 16.66 12.74 -5.56
CA ILE A 199 17.10 11.36 -5.51
C ILE A 199 15.92 10.39 -5.60
N VAL A 200 14.75 10.78 -5.10
CA VAL A 200 13.51 10.04 -5.43
C VAL A 200 13.35 9.89 -6.95
N GLU A 201 13.50 11.00 -7.69
CA GLU A 201 13.30 10.94 -9.13
C GLU A 201 14.34 10.01 -9.79
N GLN A 202 15.57 10.06 -9.30
CA GLN A 202 16.65 9.22 -9.86
C GLN A 202 16.39 7.74 -9.63
N ILE A 203 16.09 7.35 -8.39
CA ILE A 203 15.76 5.97 -8.07
C ILE A 203 14.49 5.51 -8.82
N HIS A 204 13.50 6.39 -8.88
CA HIS A 204 12.25 6.07 -9.57
C HIS A 204 12.39 5.72 -11.05
N THR A 205 13.34 6.35 -11.72
CA THR A 205 13.40 6.35 -13.19
C THR A 205 14.57 5.57 -13.77
N THR A 206 15.49 5.14 -12.92
CA THR A 206 16.73 4.50 -13.37
C THR A 206 16.86 3.09 -12.82
N PRO A 207 17.19 2.12 -13.69
CA PRO A 207 17.43 0.76 -13.19
C PRO A 207 18.48 0.75 -12.07
N ALA A 208 18.21 -0.04 -11.03
CA ALA A 208 19.07 -0.07 -9.83
C ALA A 208 20.52 -0.40 -10.14
N GLU A 209 20.76 -1.21 -11.18
CA GLU A 209 22.13 -1.60 -11.57
C GLU A 209 22.93 -0.44 -12.09
N GLN A 210 22.23 0.60 -12.55
CA GLN A 210 22.90 1.79 -13.06
C GLN A 210 23.09 2.87 -11.99
N LEU A 211 22.67 2.57 -10.76
CA LEU A 211 22.75 3.54 -9.68
C LEU A 211 23.70 3.07 -8.56
N PRO A 212 24.49 3.98 -8.01
CA PRO A 212 25.38 3.56 -6.93
C PRO A 212 24.67 3.53 -5.54
N TYR A 213 23.37 3.74 -5.50
CA TYR A 213 22.61 3.91 -4.24
C TYR A 213 22.22 2.60 -3.57
N PRO A 214 22.74 2.32 -2.36
CA PRO A 214 22.25 1.15 -1.62
C PRO A 214 20.70 1.08 -1.54
N ALA A 215 20.03 2.21 -1.25
CA ALA A 215 18.56 2.19 -1.14
C ALA A 215 17.86 1.81 -2.45
N ALA A 216 18.47 2.12 -3.60
CA ALA A 216 17.96 1.60 -4.90
C ALA A 216 18.16 0.08 -5.09
N LYS A 217 19.20 -0.47 -4.48
CA LYS A 217 19.61 -1.87 -4.67
C LYS A 217 19.05 -2.87 -3.67
N ILE A 218 18.63 -2.39 -2.51
CA ILE A 218 18.28 -3.30 -1.42
C ILE A 218 16.77 -3.44 -1.35
N HIS A 219 16.26 -4.65 -1.53
CA HIS A 219 14.82 -4.87 -1.35
C HIS A 219 14.60 -6.18 -0.60
N SER A 220 13.45 -6.31 0.04
CA SER A 220 13.08 -7.60 0.61
C SER A 220 13.02 -8.64 -0.51
N THR A 221 13.77 -9.73 -0.35
CA THR A 221 13.78 -10.80 -1.35
C THR A 221 12.42 -11.45 -1.58
N SER A 222 11.75 -11.88 -0.51
CA SER A 222 10.46 -12.56 -0.67
CA SER A 222 10.44 -12.56 -0.67
C SER A 222 9.29 -11.81 -0.01
N GLY A 223 9.57 -10.66 0.57
CA GLY A 223 8.46 -9.94 1.19
C GLY A 223 8.22 -8.60 0.53
N VAL A 224 7.80 -7.62 1.33
CA VAL A 224 7.36 -6.32 0.86
C VAL A 224 8.46 -5.25 0.99
N THR A 225 8.70 -4.50 -0.09
CA THR A 225 9.56 -3.32 0.01
C THR A 225 8.65 -2.11 -0.23
N GLU A 226 8.73 -1.11 0.64
CA GLU A 226 7.85 0.04 0.53
C GLU A 226 8.63 1.33 0.44
N TRP A 227 8.04 2.28 -0.27
CA TRP A 227 8.51 3.64 -0.30
C TRP A 227 7.38 4.53 0.20
N TYR A 228 7.62 5.23 1.31
CA TYR A 228 6.63 6.16 1.90
C TYR A 228 7.10 7.57 1.58
N LEU A 229 6.35 8.31 0.77
CA LEU A 229 6.78 9.67 0.43
C LEU A 229 5.70 10.64 0.83
N ASP A 230 6.08 11.90 1.03
CA ASP A 230 5.08 12.96 1.04
C ASP A 230 5.09 13.65 -0.31
N SER A 231 4.11 14.55 -0.52
CA SER A 231 3.98 15.24 -1.78
C SER A 231 5.28 15.93 -2.14
N ASP A 232 5.93 16.55 -1.15
CA ASP A 232 7.19 17.26 -1.42
C ASP A 232 8.27 16.34 -1.97
N ALA A 233 8.49 15.18 -1.33
CA ALA A 233 9.50 14.25 -1.83
C ALA A 233 9.11 13.65 -3.20
N ALA A 234 7.81 13.57 -3.47
CA ALA A 234 7.31 13.00 -4.73
C ALA A 234 7.20 14.02 -5.86
N ALA A 235 7.54 15.29 -5.58
CA ALA A 235 7.23 16.40 -6.49
C ALA A 235 7.77 16.22 -7.92
N LYS A 236 8.91 15.54 -8.09
CA LYS A 236 9.45 15.33 -9.44
C LYS A 236 8.89 14.10 -10.17
N ILE A 237 8.11 13.27 -9.50
CA ILE A 237 7.58 12.05 -10.13
C ILE A 237 6.05 11.97 -10.11
N ALA A 238 5.41 12.82 -9.32
CA ALA A 238 3.98 12.82 -9.25
C ALA A 238 3.51 14.26 -9.22
N MSE B 1 -4.41 10.36 -0.50
CA MSE B 1 -3.25 9.43 -0.56
C MSE B 1 -3.31 8.53 -1.82
O MSE B 1 -4.38 8.07 -2.22
CB MSE B 1 -3.18 8.66 0.76
CG MSE B 1 -1.91 7.90 1.04
SE MSE B 1 -2.06 6.02 0.33
CE MSE B 1 -3.43 5.42 1.52
N ILE B 2 -2.16 8.30 -2.45
CA ILE B 2 -2.07 7.35 -3.57
C ILE B 2 -1.14 6.19 -3.20
N ASN B 3 -1.55 4.98 -3.56
CA ASN B 3 -0.84 3.72 -3.24
C ASN B 3 -0.68 2.91 -4.51
N HIS B 4 0.56 2.67 -4.92
CA HIS B 4 0.80 1.82 -6.06
C HIS B 4 1.37 0.50 -5.54
N LYS B 5 0.83 -0.64 -5.99
CA LYS B 5 1.31 -1.95 -5.55
C LYS B 5 1.70 -2.75 -6.77
N ILE B 6 2.93 -3.26 -6.79
CA ILE B 6 3.33 -4.10 -7.90
C ILE B 6 3.60 -5.48 -7.38
N PHE B 7 2.82 -6.44 -7.90
CA PHE B 7 2.90 -7.83 -7.49
C PHE B 7 3.57 -8.64 -8.60
N PRO B 8 4.23 -9.75 -8.23
CA PRO B 8 4.94 -10.59 -9.20
C PRO B 8 3.98 -11.27 -10.17
N THR B 9 2.77 -11.60 -9.72
CA THR B 9 1.81 -12.35 -10.52
C THR B 9 0.38 -11.84 -10.35
N ALA B 10 -0.47 -12.15 -11.32
CA ALA B 10 -1.90 -11.86 -11.24
C ALA B 10 -2.52 -12.58 -10.05
N ASP B 11 -2.12 -13.84 -9.84
CA ASP B 11 -2.63 -14.60 -8.68
C ASP B 11 -2.35 -13.89 -7.35
N ALA B 12 -1.17 -13.29 -7.22
CA ALA B 12 -0.83 -12.56 -6.00
C ALA B 12 -1.68 -11.33 -5.80
N VAL B 13 -2.02 -10.64 -6.89
CA VAL B 13 -2.92 -9.51 -6.83
C VAL B 13 -4.29 -9.95 -6.27
N VAL B 14 -4.83 -11.01 -6.85
CA VAL B 14 -6.15 -11.48 -6.56
C VAL B 14 -6.23 -12.00 -5.12
N LYS B 15 -5.20 -12.71 -4.69
CA LYS B 15 -5.14 -13.14 -3.29
C LYS B 15 -5.18 -11.95 -2.31
N SER B 16 -4.44 -10.89 -2.63
CA SER B 16 -4.40 -9.71 -1.78
C SER B 16 -5.79 -9.07 -1.72
N LEU B 17 -6.47 -8.99 -2.87
CA LEU B 17 -7.85 -8.48 -2.92
C LEU B 17 -8.79 -9.34 -2.07
N ALA B 18 -8.66 -10.67 -2.20
CA ALA B 18 -9.53 -11.60 -1.48
C ALA B 18 -9.32 -11.46 0.03
N ASP B 19 -8.05 -11.33 0.43
CA ASP B 19 -7.71 -11.14 1.84
C ASP B 19 -8.38 -9.87 2.38
N ASP B 20 -8.41 -8.81 1.58
CA ASP B 20 -9.04 -7.56 1.99
C ASP B 20 -10.57 -7.71 2.09
N MSE B 21 -11.17 -8.42 1.13
CA MSE B 21 -12.59 -8.73 1.20
C MSE B 21 -12.94 -9.42 2.51
O MSE B 21 -13.92 -9.07 3.18
CB MSE B 21 -12.95 -9.66 0.03
CG MSE B 21 -14.39 -9.67 -0.34
SE MSE B 21 -14.84 -7.96 -1.20
CE MSE B 21 -14.08 -8.15 -2.98
N LEU B 22 -12.16 -10.43 2.88
CA LEU B 22 -12.32 -11.12 4.15
C LEU B 22 -12.21 -10.16 5.36
N ALA B 23 -11.15 -9.35 5.40
CA ALA B 23 -10.94 -8.41 6.49
C ALA B 23 -12.10 -7.43 6.60
N TYR B 24 -12.55 -6.87 5.47
CA TYR B 24 -13.74 -6.00 5.49
C TYR B 24 -14.94 -6.69 6.12
N SER B 25 -15.19 -7.94 5.73
CA SER B 25 -16.39 -8.64 6.19
C SER B 25 -16.39 -8.93 7.71
N GLN B 26 -15.21 -8.85 8.31
CA GLN B 26 -15.07 -9.19 9.74
C GLN B 26 -15.24 -7.97 10.63
N GLN B 27 -15.42 -6.80 10.03
CA GLN B 27 -15.43 -5.52 10.77
C GLN B 27 -16.72 -5.37 11.55
N GLY B 28 -17.83 -5.85 10.97
CA GLY B 28 -19.10 -5.92 11.65
C GLY B 28 -20.18 -5.06 11.03
N GLN B 29 -19.82 -3.88 10.50
CA GLN B 29 -20.79 -2.96 9.93
C GLN B 29 -20.90 -3.23 8.43
N PRO B 30 -22.01 -2.78 7.78
CA PRO B 30 -22.13 -2.97 6.32
C PRO B 30 -20.98 -2.33 5.53
N VAL B 31 -20.46 -3.07 4.57
CA VAL B 31 -19.36 -2.57 3.73
C VAL B 31 -19.87 -2.58 2.33
N HIS B 32 -19.90 -1.40 1.70
CA HIS B 32 -20.40 -1.27 0.33
C HIS B 32 -19.28 -1.28 -0.65
N ILE B 33 -19.33 -2.25 -1.56
CA ILE B 33 -18.22 -2.52 -2.49
C ILE B 33 -18.79 -2.44 -3.91
N SER B 34 -18.10 -1.71 -4.78
CA SER B 34 -18.51 -1.58 -6.19
C SER B 34 -17.62 -2.48 -7.04
N LEU B 35 -18.25 -3.33 -7.85
CA LEU B 35 -17.58 -4.33 -8.68
C LEU B 35 -17.44 -3.90 -10.10
N SER B 36 -16.28 -4.17 -10.69
CA SER B 36 -16.12 -4.04 -12.14
C SER B 36 -16.21 -5.45 -12.76
N GLY B 37 -16.27 -5.53 -14.09
CA GLY B 37 -16.29 -6.83 -14.75
C GLY B 37 -14.97 -7.00 -15.47
N GLY B 38 -14.78 -8.10 -16.16
CA GLY B 38 -13.49 -8.26 -16.81
C GLY B 38 -12.63 -9.34 -16.21
N SER B 39 -11.41 -9.46 -16.72
CA SER B 39 -10.59 -10.63 -16.49
C SER B 39 -10.10 -10.72 -15.03
N THR B 40 -9.68 -9.61 -14.45
CA THR B 40 -9.21 -9.62 -13.06
C THR B 40 -10.36 -9.88 -12.07
N PRO B 41 -11.48 -9.12 -12.15
CA PRO B 41 -12.65 -9.49 -11.34
C PRO B 41 -13.07 -10.97 -11.51
N LYS B 42 -13.06 -11.50 -12.73
CA LYS B 42 -13.34 -12.92 -12.93
C LYS B 42 -12.44 -13.84 -12.05
N MSE B 43 -11.13 -13.60 -12.10
CA MSE B 43 -10.20 -14.32 -11.24
C MSE B 43 -10.54 -14.16 -9.77
O MSE B 43 -10.52 -15.14 -9.02
CB MSE B 43 -8.76 -13.85 -11.49
CG MSE B 43 -8.26 -14.14 -12.90
SE MSE B 43 -6.44 -13.40 -13.09
CE MSE B 43 -5.56 -14.49 -11.74
N LEU B 44 -10.85 -12.94 -9.36
CA LEU B 44 -11.23 -12.69 -7.97
C LEU B 44 -12.45 -13.52 -7.58
N PHE B 45 -13.49 -13.50 -8.42
CA PHE B 45 -14.73 -14.25 -8.13
C PHE B 45 -14.43 -15.72 -7.99
N LYS B 46 -13.56 -16.24 -8.85
CA LYS B 46 -13.23 -17.67 -8.73
C LYS B 46 -12.49 -17.97 -7.43
N LEU B 47 -11.59 -17.08 -7.01
CA LEU B 47 -10.90 -17.35 -5.74
C LEU B 47 -11.88 -17.21 -4.56
N LEU B 48 -12.69 -16.17 -4.57
CA LEU B 48 -13.67 -15.93 -3.50
C LEU B 48 -14.68 -17.06 -3.32
N ALA B 49 -14.97 -17.79 -4.41
CA ALA B 49 -15.93 -18.89 -4.35
C ALA B 49 -15.24 -20.16 -3.88
N SER B 50 -13.92 -20.13 -3.69
CA SER B 50 -13.22 -21.34 -3.25
C SER B 50 -12.95 -21.26 -1.76
N GLN B 51 -12.68 -22.42 -1.16
CA GLN B 51 -12.26 -22.50 0.24
C GLN B 51 -10.86 -21.97 0.42
N PRO B 52 -10.63 -21.24 1.53
CA PRO B 52 -11.57 -21.08 2.63
C PRO B 52 -12.39 -19.79 2.57
N TYR B 53 -12.18 -18.99 1.52
CA TYR B 53 -12.91 -17.73 1.37
C TYR B 53 -14.43 -17.92 1.36
N ALA B 54 -14.91 -18.90 0.59
CA ALA B 54 -16.35 -19.12 0.46
C ALA B 54 -17.02 -19.25 1.84
N ASN B 55 -16.40 -20.02 2.75
CA ASN B 55 -16.89 -20.22 4.12
C ASN B 55 -16.52 -19.10 5.12
N ASP B 56 -15.31 -18.58 5.01
CA ASP B 56 -14.77 -17.68 6.04
C ASP B 56 -15.24 -16.24 5.91
N ILE B 57 -15.55 -15.80 4.70
CA ILE B 57 -15.97 -14.43 4.49
C ILE B 57 -17.38 -14.27 5.05
N GLN B 58 -17.59 -13.22 5.83
CA GLN B 58 -18.90 -12.95 6.42
C GLN B 58 -19.72 -12.16 5.41
N TRP B 59 -20.32 -12.90 4.48
CA TRP B 59 -21.02 -12.31 3.32
C TRP B 59 -22.18 -11.40 3.74
N LYS B 60 -22.78 -11.66 4.89
CA LYS B 60 -23.90 -10.85 5.39
C LYS B 60 -23.55 -9.38 5.65
N ASN B 61 -22.25 -9.10 5.87
CA ASN B 61 -21.74 -7.74 6.08
C ASN B 61 -21.34 -7.02 4.79
N LEU B 62 -21.28 -7.75 3.67
CA LEU B 62 -20.82 -7.18 2.43
C LEU B 62 -22.00 -6.88 1.50
N HIS B 63 -21.94 -5.74 0.83
CA HIS B 63 -22.88 -5.35 -0.21
C HIS B 63 -22.15 -5.14 -1.52
N PHE B 64 -22.63 -5.79 -2.57
CA PHE B 64 -22.09 -5.59 -3.89
C PHE B 64 -23.02 -4.77 -4.76
N TRP B 65 -22.42 -3.72 -5.35
CA TRP B 65 -22.97 -2.84 -6.37
C TRP B 65 -22.01 -2.95 -7.56
N TRP B 66 -22.37 -2.32 -8.68
CA TRP B 66 -21.57 -2.38 -9.89
C TRP B 66 -21.19 -0.96 -10.29
N GLY B 67 -19.90 -0.74 -10.59
CA GLY B 67 -19.48 0.56 -11.15
C GLY B 67 -20.10 0.81 -12.52
N ASP B 68 -20.34 -0.26 -13.27
CA ASP B 68 -21.10 -0.14 -14.52
C ASP B 68 -21.67 -1.50 -14.88
N GLU B 69 -22.64 -1.46 -15.79
CA GLU B 69 -23.29 -2.69 -16.21
C GLU B 69 -23.73 -2.52 -17.66
N ARG B 70 -23.65 -3.61 -18.41
CA ARG B 70 -24.06 -3.61 -19.80
C ARG B 70 -25.57 -3.77 -19.83
N CYS B 71 -26.24 -3.05 -20.75
CA CYS B 71 -27.69 -3.05 -20.80
C CYS B 71 -28.18 -4.28 -21.55
N VAL B 72 -27.98 -5.45 -20.93
CA VAL B 72 -28.42 -6.72 -21.49
C VAL B 72 -29.04 -7.47 -20.32
N ALA B 73 -29.81 -8.52 -20.61
CA ALA B 73 -30.42 -9.35 -19.58
C ALA B 73 -29.35 -9.94 -18.66
N PRO B 74 -29.72 -10.17 -17.38
CA PRO B 74 -28.74 -10.68 -16.42
C PRO B 74 -28.21 -12.08 -16.76
N ASP B 75 -28.87 -12.81 -17.66
CA ASP B 75 -28.29 -14.10 -18.07
C ASP B 75 -27.54 -14.05 -19.42
N ASP B 76 -27.38 -12.84 -19.95
CA ASP B 76 -26.62 -12.65 -21.17
C ASP B 76 -25.12 -12.83 -20.90
N ALA B 77 -24.38 -13.35 -21.86
CA ALA B 77 -22.93 -13.52 -21.75
C ALA B 77 -22.18 -12.22 -21.44
N GLU B 78 -22.77 -11.08 -21.82
CA GLU B 78 -22.12 -9.80 -21.59
C GLU B 78 -22.58 -9.08 -20.31
N SER B 79 -23.36 -9.75 -19.47
CA SER B 79 -23.78 -9.16 -18.19
C SER B 79 -22.63 -9.24 -17.16
N ASN B 80 -22.28 -8.10 -16.56
CA ASN B 80 -21.33 -8.15 -15.44
C ASN B 80 -21.93 -8.91 -14.28
N TYR B 81 -23.17 -8.58 -13.93
CA TYR B 81 -23.85 -9.30 -12.84
C TYR B 81 -23.90 -10.79 -13.15
N GLY B 82 -24.27 -11.14 -14.39
CA GLY B 82 -24.43 -12.55 -14.77
C GLY B 82 -23.16 -13.37 -14.58
N GLU B 83 -22.03 -12.77 -14.92
CA GLU B 83 -20.73 -13.43 -14.73
C GLU B 83 -20.36 -13.55 -13.26
N ALA B 84 -20.60 -12.49 -12.48
CA ALA B 84 -20.38 -12.55 -11.03
C ALA B 84 -21.27 -13.60 -10.38
N ASN B 85 -22.51 -13.71 -10.85
CA ASN B 85 -23.43 -14.70 -10.29
C ASN B 85 -22.98 -16.13 -10.62
N ALA B 86 -22.58 -16.33 -11.88
CA ALA B 86 -22.13 -17.65 -12.33
C ALA B 86 -20.88 -18.11 -11.55
N LEU B 87 -19.91 -17.21 -11.37
CA LEU B 87 -18.63 -17.56 -10.75
C LEU B 87 -18.65 -17.48 -9.22
N LEU B 88 -19.49 -16.61 -8.66
CA LEU B 88 -19.42 -16.35 -7.22
C LEU B 88 -20.74 -16.54 -6.50
N PHE B 89 -21.72 -15.69 -6.79
CA PHE B 89 -22.91 -15.60 -5.93
C PHE B 89 -23.68 -16.93 -5.86
N SER B 90 -23.71 -17.65 -6.98
CA SER B 90 -24.43 -18.92 -7.04
C SER B 90 -23.71 -20.02 -6.24
N LYS B 91 -22.50 -19.72 -5.77
CA LYS B 91 -21.66 -20.69 -5.09
C LYS B 91 -21.52 -20.40 -3.60
N ILE B 92 -22.12 -19.33 -3.12
CA ILE B 92 -21.97 -18.93 -1.72
C ILE B 92 -23.33 -18.63 -1.10
N ASN B 93 -23.36 -18.50 0.22
CA ASN B 93 -24.57 -18.14 0.95
C ASN B 93 -24.50 -16.67 1.38
N MSE B 94 -25.23 -15.81 0.69
CA MSE B 94 -25.16 -14.36 0.90
C MSE B 94 -26.60 -13.80 0.83
O MSE B 94 -27.36 -14.21 -0.06
CB MSE B 94 -24.26 -13.76 -0.18
CG MSE B 94 -24.28 -12.28 -0.33
SE MSE B 94 -22.76 -11.64 -1.36
CE MSE B 94 -22.89 -9.77 -0.76
N PRO B 95 -27.00 -12.89 1.76
CA PRO B 95 -28.37 -12.31 1.61
C PRO B 95 -28.59 -11.72 0.23
N ALA B 96 -29.72 -12.06 -0.38
CA ALA B 96 -30.03 -11.59 -1.72
C ALA B 96 -30.07 -10.09 -1.72
N GLN B 97 -30.57 -9.49 -0.65
CA GLN B 97 -30.69 -8.02 -0.61
C GLN B 97 -29.33 -7.30 -0.51
N ASN B 98 -28.25 -8.06 -0.29
CA ASN B 98 -26.89 -7.48 -0.25
C ASN B 98 -26.24 -7.42 -1.63
N ILE B 99 -26.94 -7.95 -2.64
CA ILE B 99 -26.48 -7.90 -4.02
C ILE B 99 -27.41 -6.92 -4.74
N HIS B 100 -26.82 -5.83 -5.23
CA HIS B 100 -27.60 -4.71 -5.78
C HIS B 100 -27.32 -4.59 -7.28
N ARG B 101 -27.91 -5.49 -8.04
CA ARG B 101 -27.66 -5.51 -9.49
C ARG B 101 -28.20 -4.26 -10.21
N ILE B 102 -27.53 -3.86 -11.29
CA ILE B 102 -28.11 -2.86 -12.20
C ILE B 102 -29.00 -3.64 -13.14
N LEU B 103 -30.21 -3.15 -13.36
CA LEU B 103 -31.18 -3.86 -14.23
C LEU B 103 -30.92 -3.59 -15.71
N GLY B 104 -30.00 -4.37 -16.31
CA GLY B 104 -29.56 -4.13 -17.68
C GLY B 104 -30.67 -4.39 -18.69
N GLU B 105 -31.71 -5.15 -18.30
CA GLU B 105 -32.80 -5.47 -19.20
C GLU B 105 -33.84 -4.34 -19.29
N ASN B 106 -33.71 -3.34 -18.42
CA ASN B 106 -34.68 -2.24 -18.36
C ASN B 106 -34.31 -0.98 -19.19
N GLU B 107 -35.29 -0.12 -19.44
CA GLU B 107 -35.01 1.14 -20.15
C GLU B 107 -33.90 1.86 -19.35
N PRO B 108 -32.78 2.17 -20.04
CA PRO B 108 -31.57 2.59 -19.34
C PRO B 108 -31.64 3.92 -18.62
N GLN B 109 -32.32 4.94 -19.15
CA GLN B 109 -32.40 6.25 -18.49
C GLN B 109 -33.11 6.14 -17.12
N ALA B 110 -34.27 5.49 -17.11
CA ALA B 110 -35.01 5.25 -15.85
C ALA B 110 -34.24 4.30 -14.91
N GLU B 111 -33.50 3.35 -15.48
CA GLU B 111 -32.69 2.46 -14.66
C GLU B 111 -31.54 3.22 -13.99
N ALA B 112 -30.86 4.10 -14.74
CA ALA B 112 -29.80 4.94 -14.15
C ALA B 112 -30.35 5.74 -12.96
N GLU B 113 -31.56 6.30 -13.12
CA GLU B 113 -32.24 6.99 -12.01
C GLU B 113 -32.57 6.06 -10.83
N ARG B 114 -33.12 4.87 -11.09
CA ARG B 114 -33.41 3.92 -9.99
C ARG B 114 -32.12 3.53 -9.23
N PHE B 115 -31.10 3.22 -10.01
CA PHE B 115 -29.78 2.83 -9.50
C PHE B 115 -29.20 3.94 -8.58
N ALA B 116 -29.26 5.19 -9.04
CA ALA B 116 -28.80 6.34 -8.27
C ALA B 116 -29.62 6.48 -6.96
N GLN B 117 -30.95 6.36 -7.06
CA GLN B 117 -31.75 6.46 -5.85
CA GLN B 117 -31.86 6.39 -5.91
C GLN B 117 -31.48 5.34 -4.86
N ALA B 118 -31.22 4.12 -5.34
CA ALA B 118 -30.86 3.01 -4.45
C ALA B 118 -29.56 3.27 -3.73
N MSE B 119 -28.52 3.66 -4.45
CA MSE B 119 -27.26 4.03 -3.81
C MSE B 119 -27.44 5.09 -2.74
O MSE B 119 -26.97 4.94 -1.63
CB MSE B 119 -26.23 4.50 -4.84
CG MSE B 119 -25.71 3.40 -5.71
SE MSE B 119 -24.17 4.08 -6.75
CE MSE B 119 -23.42 2.30 -7.01
N ALA B 120 -28.12 6.18 -3.10
CA ALA B 120 -28.31 7.28 -2.16
C ALA B 120 -29.16 6.86 -0.95
N HIS B 121 -30.13 5.97 -1.17
CA HIS B 121 -30.99 5.52 -0.07
C HIS B 121 -30.24 4.57 0.89
N VAL B 122 -29.48 3.63 0.33
CA VAL B 122 -28.92 2.53 1.13
C VAL B 122 -27.57 2.91 1.73
N ILE B 123 -26.71 3.57 0.94
CA ILE B 123 -25.33 3.77 1.34
C ILE B 123 -25.19 5.09 2.10
N PRO B 124 -24.44 5.11 3.22
CA PRO B 124 -24.17 6.39 3.89
C PRO B 124 -23.68 7.45 2.89
N THR B 125 -24.18 8.66 3.05
CA THR B 125 -23.86 9.73 2.11
C THR B 125 -23.03 10.85 2.77
N GLU B 126 -22.33 11.59 1.93
CA GLU B 126 -21.61 12.77 2.36
C GLU B 126 -21.94 13.81 1.31
N ASN B 127 -22.61 14.89 1.72
CA ASN B 127 -23.08 15.89 0.78
C ASN B 127 -24.02 15.33 -0.31
N GLY B 128 -24.87 14.39 0.08
CA GLY B 128 -25.82 13.71 -0.82
C GLY B 128 -25.26 12.60 -1.70
N THR B 129 -23.94 12.45 -1.71
CA THR B 129 -23.30 11.42 -2.54
C THR B 129 -23.02 10.18 -1.72
N PRO B 130 -23.44 8.99 -2.21
CA PRO B 130 -23.05 7.76 -1.54
C PRO B 130 -21.53 7.63 -1.44
N VAL B 131 -21.08 7.20 -0.27
CA VAL B 131 -19.67 6.98 0.01
C VAL B 131 -19.39 5.46 0.03
N PHE B 132 -18.80 4.96 -1.04
CA PHE B 132 -18.41 3.57 -1.08
C PHE B 132 -17.23 3.30 -0.18
N ASP B 133 -17.24 2.15 0.46
CA ASP B 133 -16.06 1.73 1.20
C ASP B 133 -14.93 1.35 0.26
N TRP B 134 -15.28 0.73 -0.86
CA TRP B 134 -14.29 0.20 -1.82
C TRP B 134 -14.86 0.10 -3.23
N ILE B 135 -14.18 0.72 -4.19
CA ILE B 135 -14.57 0.58 -5.59
C ILE B 135 -13.45 -0.09 -6.35
N LEU B 136 -13.75 -1.26 -6.93
CA LEU B 136 -12.81 -1.96 -7.81
C LEU B 136 -13.00 -1.53 -9.26
N LEU B 137 -11.93 -1.08 -9.92
CA LEU B 137 -12.01 -0.48 -11.22
C LEU B 137 -11.07 -1.14 -12.21
N GLY B 138 -11.46 -1.11 -13.49
CA GLY B 138 -10.56 -1.50 -14.56
C GLY B 138 -10.00 -0.29 -15.28
N VAL B 139 -9.02 -0.52 -16.13
CA VAL B 139 -8.49 0.53 -16.99
C VAL B 139 -8.35 -0.07 -18.37
N GLY B 140 -9.11 0.44 -19.34
CA GLY B 140 -9.06 -0.13 -20.67
C GLY B 140 -7.82 0.35 -21.40
N ALA B 141 -7.58 -0.21 -22.58
CA ALA B 141 -6.43 0.18 -23.39
C ALA B 141 -6.62 1.63 -23.85
N ASP B 142 -7.85 2.12 -23.80
CA ASP B 142 -8.15 3.51 -24.14
C ASP B 142 -8.19 4.42 -22.90
N GLY B 143 -7.84 3.88 -21.73
CA GLY B 143 -7.85 4.65 -20.49
C GLY B 143 -9.20 4.79 -19.79
N HIS B 144 -10.25 4.17 -20.35
CA HIS B 144 -11.55 4.26 -19.68
C HIS B 144 -11.63 3.46 -18.37
N THR B 145 -12.59 3.83 -17.52
CA THR B 145 -12.83 3.08 -16.29
C THR B 145 -14.33 3.08 -16.09
N ALA B 146 -14.86 2.04 -15.41
CA ALA B 146 -16.32 1.83 -15.37
C ALA B 146 -16.82 1.95 -16.81
N SER B 147 -17.90 2.68 -17.10
CA SER B 147 -18.18 3.03 -18.52
C SER B 147 -18.11 4.53 -18.78
N LEU B 148 -17.07 5.15 -18.22
CA LEU B 148 -16.68 6.53 -18.46
C LEU B 148 -15.55 6.49 -19.45
N PHE B 149 -15.84 6.92 -20.69
CA PHE B 149 -14.94 6.80 -21.83
C PHE B 149 -14.27 8.15 -22.14
N PRO B 150 -13.04 8.10 -22.69
CA PRO B 150 -12.31 9.34 -23.07
C PRO B 150 -13.14 10.09 -24.10
N GLY B 151 -13.24 11.41 -23.92
CA GLY B 151 -14.11 12.21 -24.77
C GLY B 151 -15.60 12.18 -24.49
N GLN B 152 -16.11 11.30 -23.63
CA GLN B 152 -17.55 11.24 -23.31
C GLN B 152 -17.83 11.60 -21.87
N THR B 153 -16.79 11.74 -21.08
CA THR B 153 -16.99 11.82 -19.66
C THR B 153 -17.17 13.29 -19.30
N ASP B 154 -18.24 13.59 -18.59
CA ASP B 154 -18.47 14.91 -18.01
C ASP B 154 -18.04 14.81 -16.56
N TYR B 155 -16.88 15.39 -16.24
CA TYR B 155 -16.32 15.34 -14.88
C TYR B 155 -17.05 16.29 -13.93
N ALA B 156 -17.95 17.11 -14.44
CA ALA B 156 -18.73 17.93 -13.55
C ALA B 156 -20.16 17.42 -13.45
N ASP B 157 -20.40 16.17 -13.86
CA ASP B 157 -21.79 15.64 -13.81
C ASP B 157 -22.20 15.55 -12.33
N ALA B 158 -23.30 16.21 -12.01
CA ALA B 158 -23.78 16.19 -10.62
C ALA B 158 -24.63 14.95 -10.27
N ASN B 159 -25.09 14.20 -11.28
CA ASN B 159 -25.81 12.95 -11.09
C ASN B 159 -24.87 11.85 -10.58
N LEU B 160 -25.47 10.78 -10.07
CA LEU B 160 -24.68 9.70 -9.47
C LEU B 160 -24.46 8.60 -10.50
N SER B 161 -25.19 8.69 -11.61
CA SER B 161 -25.12 7.66 -12.63
C SER B 161 -25.40 8.31 -13.98
N VAL B 162 -25.02 7.59 -15.04
CA VAL B 162 -25.15 8.11 -16.41
C VAL B 162 -25.36 6.93 -17.35
N VAL B 163 -26.14 7.15 -18.42
CA VAL B 163 -26.19 6.17 -19.52
C VAL B 163 -25.12 6.55 -20.55
N ALA B 164 -24.18 5.63 -20.81
CA ALA B 164 -23.03 5.89 -21.71
C ALA B 164 -23.05 4.80 -22.77
N SER B 165 -22.40 5.02 -23.91
CA SER B 165 -22.38 3.97 -24.94
C SER B 165 -20.93 3.58 -25.20
N HIS B 166 -20.67 2.30 -25.44
CA HIS B 166 -19.33 1.91 -25.85
C HIS B 166 -18.91 2.60 -27.17
N PRO B 167 -17.71 3.24 -27.20
CA PRO B 167 -17.33 4.01 -28.41
C PRO B 167 -17.16 3.20 -29.69
N GLU B 168 -16.93 1.90 -29.57
CA GLU B 168 -16.79 1.08 -30.78
C GLU B 168 -18.05 0.33 -31.12
N SER B 169 -18.65 -0.33 -30.12
CA SER B 169 -19.79 -1.22 -30.39
C SER B 169 -21.14 -0.52 -30.34
N GLY B 170 -21.21 0.64 -29.69
CA GLY B 170 -22.51 1.30 -29.47
C GLY B 170 -23.35 0.65 -28.37
N GLN B 171 -22.81 -0.35 -27.67
CA GLN B 171 -23.54 -0.97 -26.59
C GLN B 171 -23.84 0.00 -25.46
N LEU B 172 -25.06 -0.01 -24.94
CA LEU B 172 -25.41 0.88 -23.82
C LEU B 172 -24.98 0.28 -22.52
N ARG B 173 -24.48 1.15 -21.64
CA ARG B 173 -24.16 0.78 -20.27
C ARG B 173 -24.73 1.82 -19.33
N VAL B 174 -25.02 1.37 -18.11
CA VAL B 174 -25.35 2.30 -17.03
C VAL B 174 -24.09 2.33 -16.19
N SER B 175 -23.61 3.52 -15.90
CA SER B 175 -22.35 3.67 -15.17
C SER B 175 -22.48 4.58 -13.95
N LYS B 176 -21.69 4.32 -12.92
CA LYS B 176 -21.41 5.39 -11.95
C LYS B 176 -20.82 6.60 -12.67
N THR B 177 -21.06 7.79 -12.15
CA THR B 177 -20.37 9.00 -12.63
C THR B 177 -19.03 9.20 -11.91
N ALA B 178 -18.16 10.05 -12.43
CA ALA B 178 -16.90 10.34 -11.72
C ALA B 178 -17.12 10.77 -10.25
N LYS B 179 -18.19 11.56 -10.00
CA LYS B 179 -18.57 12.08 -8.67
C LYS B 179 -18.57 10.96 -7.61
N VAL B 180 -19.16 9.82 -7.96
CA VAL B 180 -19.27 8.70 -7.01
C VAL B 180 -17.90 8.07 -6.77
N LEU B 181 -17.13 7.87 -7.83
CA LEU B 181 -15.76 7.36 -7.65
C LEU B 181 -14.96 8.30 -6.77
N GLN B 182 -15.11 9.60 -7.00
CA GLN B 182 -14.34 10.63 -6.26
C GLN B 182 -14.73 10.65 -4.77
N ALA B 183 -15.99 10.36 -4.48
CA ALA B 183 -16.50 10.37 -3.12
C ALA B 183 -16.09 9.16 -2.28
N ALA B 184 -15.53 8.13 -2.90
CA ALA B 184 -15.32 6.85 -2.20
C ALA B 184 -14.16 6.92 -1.24
N LYS B 185 -14.20 6.09 -0.20
CA LYS B 185 -13.08 5.99 0.74
C LYS B 185 -11.83 5.42 0.08
N ARG B 186 -12.04 4.54 -0.89
CA ARG B 186 -10.94 3.79 -1.50
C ARG B 186 -11.37 3.32 -2.89
N ILE B 187 -10.59 3.68 -3.93
CA ILE B 187 -10.82 3.11 -5.27
C ILE B 187 -9.49 2.47 -5.72
N SER B 188 -9.63 1.36 -6.44
CA SER B 188 -8.50 0.54 -6.78
C SER B 188 -8.58 0.15 -8.24
N TYR B 189 -7.65 0.69 -9.01
CA TYR B 189 -7.49 0.31 -10.42
C TYR B 189 -6.68 -0.97 -10.52
N LEU B 190 -7.32 -1.99 -11.08
CA LEU B 190 -6.72 -3.32 -11.14
C LEU B 190 -6.26 -3.49 -12.57
N VAL B 191 -4.94 -3.38 -12.77
CA VAL B 191 -4.39 -3.26 -14.12
C VAL B 191 -3.33 -4.35 -14.33
N LEU B 192 -3.74 -5.44 -15.00
CA LEU B 192 -2.93 -6.64 -15.08
C LEU B 192 -2.60 -7.05 -16.52
N GLY B 193 -1.37 -7.53 -16.73
CA GLY B 193 -0.97 -8.11 -18.03
C GLY B 193 -0.17 -7.20 -18.96
N ALA B 194 0.55 -7.83 -19.88
CA ALA B 194 1.40 -7.13 -20.84
C ALA B 194 0.61 -6.15 -21.69
N GLY B 195 -0.66 -6.48 -21.95
CA GLY B 195 -1.53 -5.66 -22.80
C GLY B 195 -1.77 -4.27 -22.23
N LYS B 196 -1.46 -4.09 -20.93
CA LYS B 196 -1.73 -2.79 -20.27
C LYS B 196 -0.42 -2.01 -20.03
N ALA B 197 0.71 -2.59 -20.40
CA ALA B 197 2.03 -2.00 -20.10
C ALA B 197 2.21 -0.59 -20.69
N GLU B 198 1.69 -0.40 -21.91
CA GLU B 198 1.83 0.87 -22.61
C GLU B 198 1.01 1.98 -21.96
N ILE B 199 -0.26 1.72 -21.70
CA ILE B 199 -1.12 2.72 -21.06
C ILE B 199 -0.66 3.01 -19.62
N VAL B 200 -0.14 2.00 -18.95
CA VAL B 200 0.44 2.22 -17.62
C VAL B 200 1.59 3.21 -17.74
N GLU B 201 2.47 3.00 -18.72
CA GLU B 201 3.62 3.88 -18.84
C GLU B 201 3.18 5.32 -19.10
N GLN B 202 2.18 5.50 -19.97
CA GLN B 202 1.62 6.83 -20.28
C GLN B 202 1.06 7.53 -19.04
N ILE B 203 0.16 6.86 -18.32
CA ILE B 203 -0.45 7.41 -17.11
C ILE B 203 0.59 7.71 -16.03
N HIS B 204 1.55 6.80 -15.87
CA HIS B 204 2.59 6.94 -14.87
C HIS B 204 3.50 8.14 -15.08
N THR B 205 3.75 8.50 -16.35
CA THR B 205 4.77 9.49 -16.69
C THR B 205 4.23 10.84 -17.15
N THR B 206 2.92 10.94 -17.38
CA THR B 206 2.32 12.14 -18.00
C THR B 206 1.34 12.81 -17.06
N PRO B 207 1.48 14.13 -16.85
CA PRO B 207 0.45 14.85 -16.07
C PRO B 207 -0.99 14.52 -16.56
N ALA B 208 -1.91 14.31 -15.62
CA ALA B 208 -3.29 13.87 -15.97
C ALA B 208 -3.97 14.85 -16.91
N GLU B 209 -3.63 16.13 -16.74
CA GLU B 209 -4.20 17.24 -17.51
C GLU B 209 -3.90 17.09 -18.99
N GLN B 210 -2.80 16.41 -19.29
CA GLN B 210 -2.36 16.22 -20.68
C GLN B 210 -2.84 14.91 -21.31
N LEU B 211 -3.67 14.15 -20.59
CA LEU B 211 -4.16 12.86 -21.07
C LEU B 211 -5.66 12.89 -21.17
N PRO B 212 -6.23 12.17 -22.15
CA PRO B 212 -7.69 12.11 -22.27
C PRO B 212 -8.36 10.98 -21.42
N TYR B 213 -7.58 10.32 -20.57
CA TYR B 213 -7.99 9.05 -19.95
C TYR B 213 -8.71 9.29 -18.64
N PRO B 214 -9.98 8.86 -18.55
CA PRO B 214 -10.68 8.95 -17.25
C PRO B 214 -9.91 8.32 -16.07
N ALA B 215 -9.25 7.17 -16.26
CA ALA B 215 -8.48 6.52 -15.19
C ALA B 215 -7.33 7.38 -14.68
N ALA B 216 -6.78 8.20 -15.55
CA ALA B 216 -5.68 9.07 -15.17
C ALA B 216 -6.22 10.26 -14.37
N LYS B 217 -7.48 10.64 -14.63
CA LYS B 217 -8.02 11.87 -14.05
C LYS B 217 -8.82 11.69 -12.75
N ILE B 218 -9.35 10.49 -12.54
CA ILE B 218 -10.31 10.26 -11.48
C ILE B 218 -9.60 9.64 -10.26
N HIS B 219 -9.66 10.32 -9.13
CA HIS B 219 -9.09 9.77 -7.89
C HIS B 219 -10.03 10.11 -6.75
N SER B 220 -9.92 9.37 -5.64
CA SER B 220 -10.69 9.68 -4.46
C SER B 220 -10.24 11.03 -3.93
N THR B 221 -11.20 11.93 -3.70
CA THR B 221 -10.88 13.29 -3.28
C THR B 221 -10.17 13.31 -1.94
N SER B 222 -10.66 12.55 -0.98
CA SER B 222 -10.16 12.65 0.40
C SER B 222 -9.70 11.31 0.93
N GLY B 223 -9.89 10.26 0.14
CA GLY B 223 -9.51 8.91 0.51
C GLY B 223 -8.35 8.40 -0.33
N VAL B 224 -8.34 7.10 -0.52
CA VAL B 224 -7.20 6.35 -1.08
C VAL B 224 -7.47 6.00 -2.55
N THR B 225 -6.50 6.28 -3.43
CA THR B 225 -6.55 5.84 -4.82
C THR B 225 -5.39 4.86 -4.99
N GLU B 226 -5.71 3.65 -5.47
CA GLU B 226 -4.72 2.59 -5.57
C GLU B 226 -4.58 2.13 -7.00
N TRP B 227 -3.35 1.72 -7.35
CA TRP B 227 -3.06 1.08 -8.62
C TRP B 227 -2.45 -0.30 -8.31
N TYR B 228 -3.15 -1.37 -8.70
CA TYR B 228 -2.65 -2.74 -8.54
C TYR B 228 -2.14 -3.22 -9.88
N LEU B 229 -0.83 -3.44 -9.99
CA LEU B 229 -0.23 -3.97 -11.21
C LEU B 229 0.44 -5.32 -10.92
N ASP B 230 0.53 -6.18 -11.93
CA ASP B 230 1.47 -7.31 -11.87
C ASP B 230 2.74 -6.87 -12.60
N SER B 231 3.78 -7.68 -12.59
CA SER B 231 5.03 -7.23 -13.20
C SER B 231 4.90 -7.01 -14.71
N ASP B 232 4.06 -7.79 -15.39
CA ASP B 232 3.80 -7.60 -16.82
C ASP B 232 3.22 -6.22 -17.13
N ALA B 233 2.17 -5.79 -16.41
CA ALA B 233 1.61 -4.46 -16.58
C ALA B 233 2.61 -3.34 -16.24
N ALA B 234 3.52 -3.62 -15.31
CA ALA B 234 4.50 -2.64 -14.83
C ALA B 234 5.80 -2.64 -15.62
N ALA B 235 5.88 -3.45 -16.67
CA ALA B 235 7.16 -3.76 -17.31
C ALA B 235 7.88 -2.54 -17.93
N LYS B 236 7.12 -1.51 -18.28
CA LYS B 236 7.72 -0.28 -18.82
C LYS B 236 8.13 0.77 -17.75
N ILE B 237 7.68 0.58 -16.52
CA ILE B 237 7.94 1.58 -15.46
C ILE B 237 8.79 1.06 -14.30
N ALA B 238 8.88 -0.26 -14.20
CA ALA B 238 9.68 -0.87 -13.13
C ALA B 238 10.55 -1.94 -13.72
P PO4 C . 22.81 9.31 8.77
O1 PO4 C . 23.32 7.95 8.33
O2 PO4 C . 22.28 9.99 7.56
O3 PO4 C . 21.76 9.02 9.78
O4 PO4 C . 23.94 10.07 9.32
P PO4 D . 15.19 11.87 7.39
O1 PO4 D . 15.96 10.82 6.58
O2 PO4 D . 14.44 12.84 6.52
O3 PO4 D . 14.10 11.14 8.17
O4 PO4 D . 16.16 12.65 8.26
P PO4 E . 22.67 12.51 3.93
O1 PO4 E . 23.45 11.70 2.88
O2 PO4 E . 21.26 12.89 3.52
O3 PO4 E . 22.56 11.70 5.19
O4 PO4 E . 23.46 13.77 4.21
O1 PE5 F . -2.67 -7.51 11.72
C1 PE5 F . -1.28 -7.36 11.43
C2 PE5 F . -0.82 -5.94 11.76
O2 PE5 F . 0.07 -5.45 10.76
C3 PE5 F . -0.16 -4.12 10.34
C4 PE5 F . 0.70 -3.88 9.13
O3 PE5 F . -0.03 -4.12 7.94
P PO4 G . -15.41 -2.81 -21.08
O1 PO4 G . -16.13 -3.09 -22.36
O2 PO4 G . -15.93 -1.53 -20.45
O3 PO4 G . -15.69 -3.86 -20.07
O4 PO4 G . -13.96 -2.62 -21.38
P PO4 H . -9.31 -6.50 -17.37
O1 PO4 H . -7.83 -6.76 -17.58
O2 PO4 H . -10.09 -7.26 -18.42
O3 PO4 H . -9.62 -6.99 -15.96
O4 PO4 H . -9.62 -5.02 -17.46
P PO4 I . -10.34 -1.87 -23.89
O1 PO4 I . -10.63 -2.53 -25.23
O2 PO4 I . -11.42 -2.23 -22.89
O3 PO4 I . -9.04 -2.41 -23.31
O4 PO4 I . -10.31 -0.37 -24.14
O1 2PE J . 9.54 6.37 -5.66
C2 2PE J . 10.86 6.06 -5.18
C3 2PE J . 11.56 5.17 -6.21
O4 2PE J . 11.28 3.82 -5.87
C5 2PE J . 11.69 2.88 -6.82
C6 2PE J . 10.69 3.11 -7.91
O7 2PE J . 10.65 1.96 -8.68
C8 2PE J . 10.70 2.29 -10.07
C9 2PE J . 9.33 2.70 -10.57
O10 2PE J . 8.29 2.09 -9.83
C11 2PE J . 7.12 2.17 -10.65
C12 2PE J . 5.90 2.17 -9.75
O13 2PE J . 5.98 3.39 -9.03
C14 2PE J . 4.83 3.52 -8.22
C15 2PE J . 4.80 4.88 -7.53
O16 2PE J . 4.68 5.91 -8.49
C17 2PE J . 4.85 7.20 -7.92
C18 2PE J . 4.72 8.25 -9.03
O19 2PE J . 3.40 8.12 -9.57
C20 2PE J . 3.23 8.64 -10.89
C21 2PE J . 1.72 8.74 -11.18
O22 2PE J . 1.18 7.42 -11.37
C23 2PE J . -0.22 7.43 -11.61
C24 2PE J . -0.68 6.01 -11.90
O25 2PE J . 0.26 5.46 -12.82
C26 2PE J . -0.13 4.28 -13.50
C27 2PE J . 0.21 3.04 -12.70
O28 2PE J . 1.54 3.11 -12.18
O1 PE5 K . 5.56 15.98 -12.43
C1 PE5 K . 5.82 14.66 -12.92
C2 PE5 K . 4.71 14.21 -13.86
O2 PE5 K . 4.29 12.88 -13.53
C3 PE5 K . 3.06 12.56 -14.16
C4 PE5 K . 2.19 11.67 -13.29
O3 PE5 K . 1.16 12.46 -12.68
C1 PEG L . 13.14 1.56 -12.33
O1 PEG L . 13.63 0.42 -11.61
C2 PEG L . 13.70 1.53 -13.74
O2 PEG L . 12.92 2.29 -14.67
C3 PEG L . 12.10 1.50 -15.55
C4 PEG L . 12.92 0.66 -16.54
O4 PEG L . 12.14 -0.42 -17.09
#